data_7TZS
#
_entry.id   7TZS
#
_cell.length_a   148.734
_cell.length_b   30.400
_cell.length_c   95.570
_cell.angle_alpha   90.000
_cell.angle_beta   93.513
_cell.angle_gamma   90.000
#
_symmetry.space_group_name_H-M   'C 1 2 1'
#
loop_
_entity.id
_entity.type
_entity.pdbx_description
1 polymer 'RNA (80-MER)'
2 non-polymer 1-(quinoxalin-6-yl)methanamine
3 non-polymer 'MAGNESIUM ION'
4 non-polymer 'POTASSIUM ION'
5 non-polymer 'SODIUM ION'
6 water water
#
_entity_poly.entity_id   1
_entity_poly.type   'polyribonucleotide'
_entity_poly.pdbx_seq_one_letter_code
;(GTP)GACUCGGGGUGCCCUUCUGCGUGAAGGCUGAGAAAUACCCGUAUCACCUGAUCUGGAUAAUGCCAGCGUAGGGAA
GUU(CCC)
;
_entity_poly.pdbx_strand_id   X,Y
#
loop_
_chem_comp.id
_chem_comp.type
_chem_comp.name
_chem_comp.formula
A RNA linking ADENOSINE-5'-MONOPHOSPHATE 'C10 H14 N5 O7 P'
C RNA linking CYTIDINE-5'-MONOPHOSPHATE 'C9 H14 N3 O8 P'
CCC RNA linking 'CYTIDINE-5'-PHOSPHATE-2',3'-CYCLIC PHOSPHATE' 'C9 H13 N3 O10 P2'
G RNA linking GUANOSINE-5'-MONOPHOSPHATE 'C10 H14 N5 O8 P'
GTP non-polymer GUANOSINE-5'-TRIPHOSPHATE 'C10 H16 N5 O14 P3'
K non-polymer 'POTASSIUM ION' 'K 1'
KX3 non-polymer 1-(quinoxalin-6-yl)methanamine 'C9 H9 N3'
MG non-polymer 'MAGNESIUM ION' 'Mg 2'
NA non-polymer 'SODIUM ION' 'Na 1'
U RNA linking URIDINE-5'-MONOPHOSPHATE 'C9 H13 N2 O9 P'
#
# COMPACT_ATOMS: atom_id res chain seq x y z
PG GTP A 1 0.88 -34.82 38.37
O1G GTP A 1 -0.63 -34.71 38.36
O2G GTP A 1 1.43 -34.31 39.68
O3G GTP A 1 1.47 -33.98 37.25
O3B GTP A 1 1.31 -36.36 38.22
PB GTP A 1 0.36 -37.51 37.60
O1B GTP A 1 -1.05 -37.36 38.14
O2B GTP A 1 0.91 -38.87 37.96
O3A GTP A 1 0.42 -37.30 36.01
PA GTP A 1 -0.79 -36.70 35.13
O1A GTP A 1 -0.23 -35.83 34.05
O2A GTP A 1 -1.81 -35.97 35.97
O5' GTP A 1 -1.46 -38.03 34.49
C5' GTP A 1 -0.84 -38.70 33.42
C4' GTP A 1 -1.71 -39.89 33.00
O4' GTP A 1 -1.84 -40.76 34.11
C3' GTP A 1 -3.15 -39.55 32.66
O3' GTP A 1 -3.31 -39.14 31.32
C2' GTP A 1 -3.91 -40.85 32.89
O2' GTP A 1 -3.69 -41.70 31.79
C1' GTP A 1 -3.14 -41.35 34.11
N9 GTP A 1 -3.86 -40.85 35.30
C8 GTP A 1 -3.40 -39.91 36.18
N7 GTP A 1 -4.35 -39.69 37.12
C5 GTP A 1 -5.41 -40.48 36.85
C6 GTP A 1 -6.64 -40.66 37.48
O6 GTP A 1 -6.93 -40.02 38.49
N1 GTP A 1 -7.56 -41.55 36.96
C2 GTP A 1 -7.26 -42.28 35.82
N2 GTP A 1 -8.16 -43.13 35.33
N3 GTP A 1 -6.04 -42.09 35.19
C4 GTP A 1 -5.13 -41.21 35.70
PC CCC A 80 -12.78 -47.86 38.02
O1C CCC A 80 -12.04 -49.17 37.88
O2C CCC A 80 -13.87 -47.71 36.96
P CCC A 80 -16.08 -43.69 42.25
OP1 CCC A 80 -17.10 -44.77 42.57
OP2 CCC A 80 -15.26 -43.09 43.35
O5' CCC A 80 -15.08 -44.28 41.14
C5' CCC A 80 -15.48 -45.36 40.32
C4' CCC A 80 -14.38 -45.58 39.30
O4' CCC A 80 -13.98 -44.32 38.75
C3' CCC A 80 -13.11 -46.27 39.83
O3' CCC A 80 -13.25 -47.67 39.51
C2' CCC A 80 -12.03 -45.70 38.87
O2' CCC A 80 -11.66 -46.73 37.93
C1' CCC A 80 -12.63 -44.40 38.33
N1 CCC A 80 -11.80 -43.34 38.86
C2 CCC A 80 -10.73 -42.95 38.13
O2 CCC A 80 -10.50 -43.47 37.04
N3 CCC A 80 -9.89 -41.94 38.56
C4 CCC A 80 -10.16 -41.38 39.75
N4 CCC A 80 -9.34 -40.42 40.16
C5 CCC A 80 -11.26 -41.78 40.54
C6 CCC A 80 -12.10 -42.78 40.06
O3B GTP B 1 0.75 45.16 -36.49
PB GTP B 1 1.25 44.71 -37.96
O1B GTP B 1 0.10 44.66 -38.94
O2B GTP B 1 2.33 45.66 -38.40
O3A GTP B 1 1.91 43.25 -37.76
PA GTP B 1 1.04 41.92 -37.44
O1A GTP B 1 1.88 40.97 -36.62
O2A GTP B 1 -0.23 42.28 -36.73
O5' GTP B 1 0.71 41.27 -38.88
C5' GTP B 1 -0.49 40.57 -39.12
C4' GTP B 1 -0.47 39.95 -40.52
O4' GTP B 1 -0.28 40.98 -41.47
C3' GTP B 1 0.69 39.02 -40.79
O3' GTP B 1 0.44 37.71 -40.31
C2' GTP B 1 0.85 39.03 -42.30
O2' GTP B 1 -0.14 38.22 -42.89
C1' GTP B 1 0.51 40.51 -42.54
N9 GTP B 1 1.79 41.24 -42.50
C8 GTP B 1 2.17 42.12 -41.52
N7 GTP B 1 3.41 42.59 -41.81
C5 GTP B 1 3.83 42.01 -42.95
C6 GTP B 1 4.99 42.15 -43.68
O6 GTP B 1 5.88 42.90 -43.27
N1 GTP B 1 5.15 41.42 -44.85
C2 GTP B 1 4.15 40.58 -45.30
N2 GTP B 1 4.31 39.89 -46.43
N3 GTP B 1 2.99 40.45 -44.57
C4 GTP B 1 2.82 41.16 -43.42
PC CCC B 80 7.51 40.08 -53.14
O1C CCC B 80 8.21 38.73 -53.20
O2C CCC B 80 6.43 40.25 -54.16
P CCC B 80 13.29 42.84 -50.93
OP1 CCC B 80 13.87 42.87 -52.34
OP2 CCC B 80 13.10 44.15 -50.19
O5' CCC B 80 11.88 42.06 -50.97
C5' CCC B 80 11.57 41.15 -52.02
C4' CCC B 80 10.25 40.50 -51.66
O4' CCC B 80 10.16 40.05 -50.30
C3' CCC B 80 9.07 41.47 -51.89
O3' CCC B 80 8.55 41.26 -53.20
C2' CCC B 80 8.04 40.86 -50.88
O2' CCC B 80 6.99 40.23 -51.64
C1' CCC B 80 8.82 40.08 -49.83
N1 CCC B 80 8.65 40.82 -48.58
C2 CCC B 80 7.58 40.59 -47.79
O2 CCC B 80 6.78 39.73 -48.09
N3 CCC B 80 7.37 41.32 -46.62
C4 CCC B 80 8.24 42.27 -46.29
N4 CCC B 80 8.04 42.96 -45.16
C5 CCC B 80 9.35 42.56 -47.10
C6 CCC B 80 9.52 41.82 -48.26
N1 KX3 C . 4.78 -18.22 21.55
C5 KX3 C . 6.36 -17.40 24.77
C6 KX3 C . 7.60 -18.05 24.62
C7 KX3 C . 7.89 -18.72 23.41
C8 KX3 C . 6.93 -18.75 22.42
C10 KX3 C . 5.39 -17.46 23.75
C11 KX3 C . 9.22 -19.43 23.17
C9 KX3 C . 5.69 -18.14 22.58
C3 KX3 C . 3.29 -16.93 22.88
C2 KX3 C . 3.61 -17.62 21.72
N12 KX3 C . 9.30 -20.80 23.78
N4 KX3 C . 4.19 -16.83 23.91
MG MG D . 10.01 -16.43 35.89
MG MG E . 7.60 -25.05 26.67
MG MG F . 10.11 -22.43 27.32
K K G . 10.98 -12.30 22.42
K K H . 3.50 -9.21 19.21
K K I . 0.16 -16.72 35.16
K K J . 10.22 -21.87 39.81
NA NA K . 8.95 -21.47 13.03
N1 KX3 L . -1.36 30.67 -17.26
C5 KX3 L . -0.90 33.79 -15.40
C6 KX3 L . -2.23 34.21 -15.27
C7 KX3 L . -3.27 33.44 -15.82
C8 KX3 L . -2.96 32.24 -16.49
C10 KX3 L . -0.59 32.59 -16.07
C11 KX3 L . -4.71 33.89 -15.70
C9 KX3 L . -1.63 31.83 -16.60
C3 KX3 L . 0.95 31.04 -16.83
C2 KX3 L . -0.09 30.29 -17.37
N12 KX3 L . -5.03 34.95 -16.69
N4 KX3 L . 0.70 32.19 -16.18
MG MG M . 2.56 44.95 -13.10
MG MG N . -4.45 37.38 -21.37
K K O . 1.63 49.58 -17.29
#